data_3RGC
#
_entry.id   3RGC
#
_cell.length_a   49.590
_cell.length_b   94.610
_cell.length_c   124.600
_cell.angle_alpha   90.000
_cell.angle_beta   90.000
_cell.angle_gamma   90.000
#
_symmetry.space_group_name_H-M   'P 21 21 21'
#
loop_
_entity.id
_entity.type
_entity.pdbx_description
1 polymer 'Possible periplasmic protein'
2 water water
#
_entity_poly.entity_id   1
_entity_poly.type   'polypeptide(L)'
_entity_poly.pdbx_seq_one_letter_code
;NAIAVVVDKEPITTYDIDQTMKALKIDRNKALGVLINEKMEISQMKQLGIVVNDLELDDAINKMLAQNKTTLNAFKANLK
SKNQSYEQFRTNFKKDLEKRKLYEKIASMAKTDFSDDGAKKFFEQNKDKFTFYTQINANIYLSNNPQTLENIKNTKKTIL
KPQNASLNTSNADPRLLGLLSQIPVGSFSPVLNGKNGYELYEVKSKDGTQTPEYEQVKNEVLNAYVSEQRQNFIQDYFDK
LRSKINIEYLRA
;
_entity_poly.pdbx_strand_id   A,B
#
# COMPACT_ATOMS: atom_id res chain seq x y z
N ASN A 1 -34.45 15.19 21.50
CA ASN A 1 -34.77 15.75 22.81
C ASN A 1 -35.28 17.18 22.64
N ALA A 2 -34.37 18.16 22.64
CA ALA A 2 -34.75 19.56 22.47
C ALA A 2 -33.95 20.30 21.39
N ILE A 3 -34.64 21.18 20.67
CA ILE A 3 -34.01 21.99 19.63
C ILE A 3 -33.01 22.98 20.23
N ALA A 4 -31.75 22.83 19.87
CA ALA A 4 -30.68 23.71 20.35
C ALA A 4 -30.38 24.85 19.38
N VAL A 5 -30.34 24.55 18.08
CA VAL A 5 -29.97 25.53 17.07
C VAL A 5 -30.80 25.39 15.80
N VAL A 6 -31.12 26.50 15.16
CA VAL A 6 -31.88 26.45 13.92
C VAL A 6 -31.06 27.09 12.81
N VAL A 7 -30.84 26.34 11.73
CA VAL A 7 -30.04 26.82 10.63
C VAL A 7 -30.91 26.94 9.38
N ASP A 8 -31.15 28.18 8.94
CA ASP A 8 -32.06 28.40 7.81
C ASP A 8 -33.34 27.57 7.98
N LYS A 9 -33.87 27.56 9.20
CA LYS A 9 -35.12 26.85 9.50
C LYS A 9 -34.99 25.32 9.66
N GLU A 10 -33.78 24.77 9.51
CA GLU A 10 -33.53 23.38 9.84
C GLU A 10 -33.05 23.27 11.30
N PRO A 11 -33.81 22.58 12.15
CA PRO A 11 -33.41 22.43 13.55
C PRO A 11 -32.33 21.38 13.82
N ILE A 12 -31.46 21.72 14.77
CA ILE A 12 -30.45 20.82 15.30
C ILE A 12 -30.76 20.69 16.79
N THR A 13 -30.81 19.45 17.28
CA THR A 13 -31.24 19.19 18.65
C THR A 13 -30.08 18.78 19.54
N THR A 14 -30.28 18.90 20.85
CA THR A 14 -29.39 18.32 21.85
C THR A 14 -29.06 16.86 21.53
N TYR A 15 -30.08 16.08 21.16
CA TYR A 15 -29.88 14.67 20.85
C TYR A 15 -28.94 14.47 19.66
N ASP A 16 -29.07 15.32 18.65
CA ASP A 16 -28.19 15.26 17.50
C ASP A 16 -26.78 15.59 17.94
N ILE A 17 -26.63 16.71 18.64
CA ILE A 17 -25.33 17.18 19.10
C ILE A 17 -24.62 16.20 20.04
N ASP A 18 -25.35 15.59 20.97
CA ASP A 18 -24.76 14.65 21.91
C ASP A 18 -24.40 13.36 21.19
N GLN A 19 -25.22 13.00 20.20
CA GLN A 19 -25.02 11.78 19.43
C GLN A 19 -23.91 11.90 18.37
N THR A 20 -23.65 13.11 17.92
CA THR A 20 -22.55 13.36 16.98
C THR A 20 -21.22 13.45 17.71
N MET A 21 -21.26 13.99 18.93
CA MET A 21 -20.10 13.93 19.82
C MET A 21 -19.69 12.46 19.99
N LYS A 22 -20.65 11.56 19.85
CA LYS A 22 -20.43 10.14 20.07
C LYS A 22 -19.76 9.47 18.88
N ALA A 23 -20.39 9.55 17.72
CA ALA A 23 -19.89 8.87 16.52
C ALA A 23 -18.57 9.44 15.99
N LEU A 24 -18.06 10.49 16.64
CA LEU A 24 -16.86 11.17 16.17
C LEU A 24 -15.92 11.48 17.33
N LYS A 25 -16.43 11.32 18.54
CA LYS A 25 -15.65 11.61 19.74
C LYS A 25 -14.99 12.98 19.64
N ILE A 26 -15.81 14.00 19.40
CA ILE A 26 -15.34 15.39 19.38
C ILE A 26 -16.17 16.19 20.38
N ASP A 27 -15.71 17.39 20.70
CA ASP A 27 -16.39 18.25 21.67
C ASP A 27 -17.71 18.88 21.17
N ARG A 28 -18.44 19.49 22.09
CA ARG A 28 -19.74 20.09 21.81
C ARG A 28 -19.65 21.10 20.67
N ASN A 29 -18.67 21.98 20.75
CA ASN A 29 -18.50 23.01 19.73
C ASN A 29 -18.08 22.45 18.37
N LYS A 30 -17.33 21.35 18.36
CA LYS A 30 -16.93 20.70 17.10
C LYS A 30 -18.05 19.86 16.49
N ALA A 31 -18.89 19.27 17.35
CA ALA A 31 -20.05 18.54 16.86
C ALA A 31 -21.01 19.55 16.23
N LEU A 32 -21.37 20.56 17.01
CA LEU A 32 -22.17 21.67 16.50
C LEU A 32 -21.69 22.12 15.10
N GLY A 33 -20.38 22.33 14.94
CA GLY A 33 -19.83 22.78 13.67
C GLY A 33 -20.10 21.80 12.54
N VAL A 34 -20.13 20.51 12.87
CA VAL A 34 -20.38 19.47 11.86
C VAL A 34 -21.84 19.44 11.41
N LEU A 35 -22.74 19.54 12.37
CA LEU A 35 -24.18 19.52 12.11
C LEU A 35 -24.60 20.81 11.40
N ILE A 36 -24.03 21.92 11.84
CA ILE A 36 -24.23 23.19 11.16
C ILE A 36 -23.86 23.12 9.67
N ASN A 37 -22.69 22.54 9.38
CA ASN A 37 -22.28 22.34 7.99
C ASN A 37 -23.26 21.49 7.20
N GLU A 38 -23.79 20.47 7.86
CA GLU A 38 -24.79 19.58 7.28
C GLU A 38 -26.05 20.36 6.95
N LYS A 39 -26.46 21.23 7.85
CA LYS A 39 -27.63 22.06 7.59
C LYS A 39 -27.34 23.12 6.53
N MET A 40 -26.11 23.65 6.50
CA MET A 40 -25.74 24.57 5.43
C MET A 40 -25.88 23.87 4.06
N GLU A 41 -25.44 22.62 3.96
CA GLU A 41 -25.52 21.91 2.67
C GLU A 41 -26.98 21.72 2.25
N ILE A 42 -27.82 21.38 3.22
CA ILE A 42 -29.24 21.17 2.96
C ILE A 42 -29.89 22.47 2.48
N SER A 43 -29.57 23.56 3.15
CA SER A 43 -30.02 24.88 2.73
C SER A 43 -29.54 25.20 1.30
N GLN A 44 -28.34 24.80 0.93
CA GLN A 44 -27.82 25.14 -0.39
C GLN A 44 -28.43 24.29 -1.48
N MET A 45 -28.74 23.03 -1.15
CA MET A 45 -29.40 22.17 -2.13
C MET A 45 -30.71 22.83 -2.60
N LYS A 46 -31.44 23.44 -1.67
CA LYS A 46 -32.63 24.23 -2.01
C LYS A 46 -32.35 25.46 -2.90
N GLN A 47 -31.36 26.28 -2.55
CA GLN A 47 -31.03 27.42 -3.39
C GLN A 47 -30.49 27.05 -4.75
N LEU A 48 -29.76 25.95 -4.85
CA LEU A 48 -29.09 25.62 -6.10
C LEU A 48 -29.89 24.61 -6.91
N GLY A 49 -31.09 24.30 -6.47
CA GLY A 49 -31.94 23.36 -7.18
C GLY A 49 -31.33 21.97 -7.30
N ILE A 50 -30.80 21.47 -6.20
CA ILE A 50 -30.22 20.14 -6.19
C ILE A 50 -31.25 19.10 -5.76
N VAL A 51 -31.47 18.10 -6.61
CA VAL A 51 -32.47 17.11 -6.31
C VAL A 51 -32.18 15.76 -6.97
N VAL A 52 -32.40 14.71 -6.23
CA VAL A 52 -32.31 13.39 -6.82
C VAL A 52 -33.69 12.76 -6.73
N ASN A 53 -34.36 12.67 -7.88
CA ASN A 53 -35.67 12.04 -7.91
C ASN A 53 -35.54 10.51 -7.95
N ASP A 54 -36.59 9.82 -7.55
CA ASP A 54 -36.61 8.36 -7.49
C ASP A 54 -36.18 7.73 -8.81
N LEU A 55 -36.65 8.29 -9.92
CA LEU A 55 -36.26 7.80 -11.23
C LEU A 55 -34.73 7.77 -11.35
N GLU A 56 -34.09 8.90 -11.11
CA GLU A 56 -32.65 8.98 -11.21
C GLU A 56 -32.00 8.09 -10.15
N LEU A 57 -32.59 8.05 -8.97
CA LEU A 57 -32.05 7.23 -7.89
C LEU A 57 -32.03 5.74 -8.30
N ASP A 58 -33.17 5.22 -8.75
CA ASP A 58 -33.25 3.82 -9.18
C ASP A 58 -32.25 3.51 -10.30
N ASP A 59 -32.07 4.47 -11.19
CA ASP A 59 -31.10 4.33 -12.28
C ASP A 59 -29.64 4.25 -11.77
N ALA A 60 -29.30 5.12 -10.83
CA ALA A 60 -27.95 5.12 -10.29
C ALA A 60 -27.67 3.79 -9.56
N ILE A 61 -28.69 3.28 -8.88
CA ILE A 61 -28.51 2.05 -8.14
C ILE A 61 -28.36 0.88 -9.12
N ASN A 62 -29.32 0.74 -10.03
CA ASN A 62 -29.27 -0.30 -11.06
C ASN A 62 -27.92 -0.35 -11.78
N LYS A 63 -27.38 0.83 -12.10
CA LYS A 63 -26.11 0.90 -12.80
C LYS A 63 -24.93 0.51 -11.90
N MET A 64 -25.01 0.89 -10.62
CA MET A 64 -24.09 0.40 -9.61
C MET A 64 -24.13 -1.13 -9.54
N LEU A 65 -25.34 -1.70 -9.53
CA LEU A 65 -25.50 -3.15 -9.46
C LEU A 65 -25.01 -3.83 -10.73
N ALA A 66 -25.22 -3.16 -11.86
CA ALA A 66 -24.89 -3.73 -13.16
C ALA A 66 -23.40 -3.90 -13.20
N GLN A 67 -22.70 -2.84 -12.82
CA GLN A 67 -21.25 -2.82 -12.76
C GLN A 67 -20.63 -3.97 -11.97
N ASN A 68 -21.12 -4.20 -10.76
CA ASN A 68 -20.59 -5.27 -9.90
C ASN A 68 -21.16 -6.63 -10.26
N LYS A 69 -21.77 -6.72 -11.43
CA LYS A 69 -22.28 -7.98 -11.94
C LYS A 69 -23.20 -8.62 -10.91
N THR A 70 -23.93 -7.78 -10.17
CA THR A 70 -24.82 -8.32 -9.17
C THR A 70 -26.28 -7.94 -9.41
N THR A 71 -27.09 -8.18 -8.39
CA THR A 71 -28.51 -8.09 -8.56
C THR A 71 -29.11 -7.57 -7.27
N LEU A 72 -30.26 -6.94 -7.37
CA LEU A 72 -30.92 -6.39 -6.20
C LEU A 72 -30.94 -7.42 -5.04
N ASN A 73 -31.45 -8.60 -5.34
CA ASN A 73 -31.60 -9.62 -4.31
C ASN A 73 -30.27 -10.07 -3.74
N ALA A 74 -29.29 -10.29 -4.62
CA ALA A 74 -27.99 -10.76 -4.19
C ALA A 74 -27.40 -9.70 -3.29
N PHE A 75 -27.61 -8.46 -3.71
CA PHE A 75 -27.05 -7.32 -3.02
C PHE A 75 -27.76 -7.08 -1.70
N LYS A 76 -29.07 -7.42 -1.68
CA LYS A 76 -29.86 -7.29 -0.46
C LYS A 76 -29.39 -8.29 0.62
N ALA A 77 -29.11 -9.52 0.21
CA ALA A 77 -28.62 -10.57 1.11
C ALA A 77 -27.22 -10.25 1.62
N ASN A 78 -26.35 -9.84 0.70
CA ASN A 78 -25.01 -9.38 1.02
C ASN A 78 -24.99 -8.29 2.09
N LEU A 79 -25.99 -7.41 2.08
CA LEU A 79 -26.14 -6.35 3.07
C LEU A 79 -26.43 -6.84 4.51
N LYS A 80 -26.76 -8.12 4.67
CA LYS A 80 -27.05 -8.70 5.99
C LYS A 80 -25.90 -8.52 6.98
N SER A 81 -25.97 -7.44 7.77
CA SER A 81 -24.94 -7.10 8.75
C SER A 81 -25.49 -6.18 9.84
N SER A 85 -29.13 -3.03 6.40
CA SER A 85 -30.46 -2.89 5.84
C SER A 85 -30.44 -2.20 4.46
N TYR A 86 -31.45 -2.51 3.65
CA TYR A 86 -31.53 -1.97 2.30
C TYR A 86 -32.02 -0.52 2.24
N GLU A 87 -33.10 -0.22 2.95
CA GLU A 87 -33.62 1.13 2.98
C GLU A 87 -32.56 2.13 3.46
N GLN A 88 -31.84 1.75 4.51
CA GLN A 88 -30.71 2.53 4.99
C GLN A 88 -29.71 2.75 3.87
N PHE A 89 -29.33 1.68 3.19
CA PHE A 89 -28.42 1.77 2.06
C PHE A 89 -28.95 2.77 1.02
N ARG A 90 -30.23 2.64 0.69
CA ARG A 90 -30.83 3.49 -0.33
C ARG A 90 -30.80 4.97 0.04
N THR A 91 -31.18 5.28 1.27
CA THR A 91 -31.29 6.68 1.65
C THR A 91 -29.92 7.34 1.75
N ASN A 92 -28.94 6.57 2.23
CA ASN A 92 -27.54 7.01 2.22
C ASN A 92 -26.95 7.14 0.82
N PHE A 93 -27.35 6.23 -0.08
CA PHE A 93 -26.89 6.29 -1.46
C PHE A 93 -27.40 7.59 -2.03
N LYS A 94 -28.62 7.94 -1.64
CA LYS A 94 -29.27 9.11 -2.20
C LYS A 94 -28.62 10.39 -1.71
N LYS A 95 -28.34 10.44 -0.42
CA LYS A 95 -27.70 11.58 0.22
C LYS A 95 -26.29 11.78 -0.32
N ASP A 96 -25.55 10.69 -0.52
CA ASP A 96 -24.22 10.80 -1.11
C ASP A 96 -24.30 11.47 -2.50
N LEU A 97 -25.32 11.10 -3.24
CA LEU A 97 -25.52 11.61 -4.59
C LEU A 97 -25.94 13.07 -4.59
N GLU A 98 -26.85 13.45 -3.71
CA GLU A 98 -27.25 14.84 -3.54
C GLU A 98 -26.03 15.70 -3.19
N LYS A 99 -25.22 15.19 -2.27
CA LYS A 99 -24.01 15.90 -1.87
C LYS A 99 -23.04 16.07 -3.06
N ARG A 100 -22.81 15.00 -3.81
CA ARG A 100 -21.91 15.09 -4.96
C ARG A 100 -22.40 16.12 -5.96
N LYS A 101 -23.71 16.13 -6.21
CA LYS A 101 -24.26 17.13 -7.14
C LYS A 101 -24.10 18.54 -6.59
N LEU A 102 -24.27 18.67 -5.27
CA LEU A 102 -24.13 19.96 -4.62
C LEU A 102 -22.75 20.56 -4.84
N TYR A 103 -21.74 19.75 -4.57
CA TYR A 103 -20.35 20.20 -4.68
C TYR A 103 -19.91 20.44 -6.13
N GLU A 104 -20.37 19.62 -7.06
CA GLU A 104 -20.15 19.89 -8.48
C GLU A 104 -20.78 21.19 -8.88
N LYS A 105 -22.00 21.48 -8.40
CA LYS A 105 -22.56 22.78 -8.77
C LYS A 105 -21.74 23.93 -8.19
N ILE A 106 -21.39 23.84 -6.92
CA ILE A 106 -20.59 24.88 -6.32
C ILE A 106 -19.22 25.00 -7.02
N ALA A 107 -18.55 23.87 -7.26
CA ALA A 107 -17.26 23.92 -7.90
C ALA A 107 -17.36 24.60 -9.27
N SER A 108 -18.46 24.38 -9.96
CA SER A 108 -18.66 24.98 -11.28
C SER A 108 -18.79 26.50 -11.24
N MET A 109 -18.94 27.09 -10.05
CA MET A 109 -19.01 28.56 -9.93
C MET A 109 -17.60 29.18 -9.81
N ALA A 110 -16.64 28.36 -9.45
CA ALA A 110 -15.26 28.84 -9.41
C ALA A 110 -14.90 29.18 -10.85
N LYS A 111 -14.02 30.14 -11.04
CA LYS A 111 -13.58 30.46 -12.39
C LYS A 111 -12.24 29.76 -12.53
N THR A 112 -12.27 28.45 -12.69
CA THR A 112 -11.04 27.72 -12.53
C THR A 112 -10.12 27.95 -13.72
N ASP A 113 -8.84 28.04 -13.42
CA ASP A 113 -7.78 28.11 -14.42
C ASP A 113 -7.46 26.69 -14.89
N PHE A 114 -7.69 26.44 -16.18
CA PHE A 114 -7.36 25.16 -16.80
C PHE A 114 -6.13 25.25 -17.70
N SER A 115 -5.38 26.35 -17.62
CA SER A 115 -4.29 26.53 -18.56
C SER A 115 -3.04 25.81 -18.11
N ASP A 116 -2.23 25.38 -19.08
CA ASP A 116 -0.91 24.81 -18.79
C ASP A 116 -0.02 25.85 -18.14
N ASP A 117 -0.23 27.11 -18.50
CA ASP A 117 0.48 28.23 -17.88
C ASP A 117 0.31 28.23 -16.35
N GLY A 118 -0.93 28.12 -15.89
CA GLY A 118 -1.19 28.06 -14.46
C GLY A 118 -0.68 26.78 -13.84
N ALA A 119 -0.91 25.65 -14.53
CA ALA A 119 -0.53 24.34 -14.01
C ALA A 119 0.97 24.28 -13.74
N LYS A 120 1.75 24.87 -14.65
CA LYS A 120 3.20 24.96 -14.50
C LYS A 120 3.63 25.73 -13.27
N LYS A 121 2.90 26.79 -12.94
CA LYS A 121 3.18 27.53 -11.68
C LYS A 121 2.86 26.66 -10.46
N PHE A 122 1.73 25.96 -10.50
CA PHE A 122 1.38 24.98 -9.47
C PHE A 122 2.49 23.93 -9.32
N PHE A 123 2.85 23.31 -10.44
CA PHE A 123 3.98 22.37 -10.48
C PHE A 123 5.23 22.89 -9.72
N GLU A 124 5.67 24.11 -10.02
CA GLU A 124 6.86 24.65 -9.38
C GLU A 124 6.74 24.63 -7.86
N GLN A 125 5.56 24.90 -7.34
CA GLN A 125 5.37 24.95 -5.89
C GLN A 125 4.98 23.60 -5.30
N ASN A 126 4.96 22.55 -6.12
CA ASN A 126 4.48 21.25 -5.69
C ASN A 126 5.20 20.08 -6.36
N LYS A 127 6.44 20.30 -6.74
CA LYS A 127 7.21 19.30 -7.48
C LYS A 127 7.29 17.94 -6.81
N ASP A 128 7.48 17.92 -5.50
CA ASP A 128 7.66 16.66 -4.79
C ASP A 128 6.37 15.85 -4.71
N LYS A 129 5.26 16.43 -5.12
CA LYS A 129 4.01 15.69 -5.17
C LYS A 129 3.83 14.88 -6.46
N PHE A 130 4.86 14.88 -7.31
CA PHE A 130 4.82 14.15 -8.58
C PHE A 130 6.13 13.44 -8.85
N THR A 131 6.04 12.23 -9.37
CA THR A 131 7.25 11.45 -9.57
C THR A 131 7.32 10.96 -11.01
N PHE A 132 8.43 10.31 -11.36
CA PHE A 132 8.58 9.74 -12.69
C PHE A 132 9.54 8.56 -12.64
N TYR A 133 9.09 7.46 -13.20
CA TYR A 133 9.87 6.26 -13.36
C TYR A 133 9.93 5.91 -14.83
N THR A 134 11.14 5.68 -15.33
CA THR A 134 11.32 5.27 -16.72
C THR A 134 11.03 3.79 -16.97
N GLN A 135 10.99 2.99 -15.90
CA GLN A 135 10.68 1.56 -16.04
C GLN A 135 9.54 1.17 -15.12
N ILE A 136 8.50 0.61 -15.68
CA ILE A 136 7.32 0.27 -14.91
C ILE A 136 6.77 -1.06 -15.35
N ASN A 137 6.67 -1.99 -14.40
CA ASN A 137 6.06 -3.27 -14.72
C ASN A 137 4.60 -3.30 -14.27
N ALA A 138 3.71 -3.66 -15.18
CA ALA A 138 2.28 -3.55 -14.91
C ALA A 138 1.49 -4.73 -15.46
N ASN A 139 0.53 -5.20 -14.68
CA ASN A 139 -0.51 -6.07 -15.24
C ASN A 139 -1.48 -5.23 -16.02
N ILE A 140 -1.80 -5.66 -17.23
CA ILE A 140 -2.74 -4.93 -18.05
C ILE A 140 -3.97 -5.78 -18.30
N TYR A 141 -5.14 -5.19 -18.11
CA TYR A 141 -6.40 -5.89 -18.33
C TYR A 141 -7.13 -5.15 -19.42
N LEU A 142 -7.35 -5.81 -20.55
CA LEU A 142 -8.06 -5.18 -21.65
C LEU A 142 -9.46 -5.75 -21.75
N SER A 143 -10.45 -4.86 -21.86
CA SER A 143 -11.82 -5.28 -22.02
C SER A 143 -12.51 -4.35 -23.00
N ASN A 144 -13.39 -4.91 -23.82
CA ASN A 144 -14.17 -4.10 -24.72
C ASN A 144 -15.40 -3.58 -23.97
N ASN A 145 -15.36 -3.71 -22.65
CA ASN A 145 -16.44 -3.26 -21.76
C ASN A 145 -15.92 -2.51 -20.54
N PRO A 146 -16.19 -1.21 -20.47
CA PRO A 146 -15.83 -0.31 -19.37
C PRO A 146 -16.28 -0.80 -17.99
N GLN A 147 -17.38 -1.55 -17.92
CA GLN A 147 -17.92 -1.98 -16.64
C GLN A 147 -17.09 -3.08 -15.97
N THR A 148 -16.71 -4.11 -16.72
CA THR A 148 -15.95 -5.22 -16.16
C THR A 148 -14.65 -4.69 -15.52
N LEU A 149 -14.00 -3.78 -16.23
CA LEU A 149 -12.73 -3.21 -15.78
C LEU A 149 -12.93 -2.45 -14.48
N GLU A 150 -13.91 -1.54 -14.50
CA GLU A 150 -14.21 -0.74 -13.32
C GLU A 150 -14.45 -1.60 -12.07
N ASN A 151 -15.05 -2.78 -12.27
CA ASN A 151 -15.33 -3.67 -11.16
C ASN A 151 -14.07 -4.34 -10.66
N ILE A 152 -13.15 -4.62 -11.59
CA ILE A 152 -11.88 -5.21 -11.22
C ILE A 152 -11.15 -4.23 -10.31
N LYS A 153 -11.25 -2.95 -10.64
CA LYS A 153 -10.58 -1.94 -9.85
C LYS A 153 -11.16 -1.88 -8.43
N ASN A 154 -12.49 -1.85 -8.33
CA ASN A 154 -13.16 -1.78 -7.02
C ASN A 154 -13.17 -3.11 -6.25
N THR A 155 -13.61 -4.18 -6.92
CA THR A 155 -13.62 -5.51 -6.32
C THR A 155 -12.20 -6.02 -6.10
N LYS A 156 -11.41 -5.99 -7.17
CA LYS A 156 -10.04 -6.51 -7.18
C LYS A 156 -10.03 -8.02 -7.38
N LYS A 157 -11.17 -8.56 -7.81
CA LYS A 157 -11.30 -9.99 -8.08
C LYS A 157 -11.04 -10.33 -9.55
N THR A 158 -10.02 -11.15 -9.79
CA THR A 158 -9.59 -11.49 -11.15
C THR A 158 -10.75 -11.81 -12.08
N ILE A 159 -10.68 -11.27 -13.30
CA ILE A 159 -11.71 -11.53 -14.30
C ILE A 159 -11.27 -11.25 -15.74
N LEU A 160 -10.22 -11.94 -16.21
CA LEU A 160 -9.51 -12.91 -15.39
C LEU A 160 -7.99 -12.67 -15.44
N LYS A 161 -7.36 -13.06 -16.55
CA LYS A 161 -5.90 -13.01 -16.67
C LYS A 161 -5.39 -11.82 -17.49
N PRO A 162 -4.50 -11.01 -16.88
CA PRO A 162 -3.95 -9.80 -17.49
C PRO A 162 -2.64 -10.09 -18.19
N GLN A 163 -2.27 -9.24 -19.14
CA GLN A 163 -0.95 -9.37 -19.75
C GLN A 163 0.05 -8.53 -18.97
N ASN A 164 1.08 -9.18 -18.44
CA ASN A 164 2.18 -8.49 -17.78
C ASN A 164 3.10 -7.80 -18.79
N ALA A 165 3.26 -6.49 -18.65
CA ALA A 165 4.09 -5.72 -19.55
C ALA A 165 5.15 -4.93 -18.80
N SER A 166 6.36 -4.93 -19.35
CA SER A 166 7.45 -4.14 -18.82
C SER A 166 7.55 -2.88 -19.67
N LEU A 167 6.90 -1.82 -19.20
CA LEU A 167 6.82 -0.59 -19.95
C LEU A 167 8.03 0.26 -19.69
N ASN A 168 8.50 0.94 -20.71
CA ASN A 168 9.54 1.92 -20.53
C ASN A 168 9.41 3.02 -21.57
N THR A 169 10.40 3.90 -21.63
CA THR A 169 10.34 5.07 -22.50
C THR A 169 10.42 4.79 -24.02
N SER A 170 10.68 3.55 -24.42
CA SER A 170 10.78 3.19 -25.84
C SER A 170 9.47 2.59 -26.36
N ASN A 171 8.66 2.14 -25.41
CA ASN A 171 7.61 1.14 -25.45
C ASN A 171 6.24 1.73 -25.23
N ALA A 172 6.24 2.92 -24.64
CA ALA A 172 5.02 3.40 -24.01
C ALA A 172 4.91 4.89 -24.23
N ASP A 173 3.69 5.38 -24.41
CA ASP A 173 3.44 6.81 -24.52
C ASP A 173 3.92 7.51 -23.26
N PRO A 174 4.65 8.63 -23.41
CA PRO A 174 5.15 9.31 -22.22
C PRO A 174 4.03 9.82 -21.30
N ARG A 175 2.79 9.81 -21.79
CA ARG A 175 1.61 10.16 -20.99
C ARG A 175 1.08 8.98 -20.17
N LEU A 176 1.24 7.77 -20.71
CA LEU A 176 0.98 6.62 -19.90
C LEU A 176 2.03 6.53 -18.76
N LEU A 177 3.31 6.73 -19.05
CA LEU A 177 4.32 6.59 -17.99
C LEU A 177 4.16 7.67 -16.92
N GLY A 178 3.82 8.88 -17.34
CA GLY A 178 3.48 9.97 -16.43
C GLY A 178 2.32 9.57 -15.53
N LEU A 179 1.27 9.04 -16.12
CA LEU A 179 0.15 8.52 -15.35
C LEU A 179 0.56 7.42 -14.38
N LEU A 180 1.10 6.32 -14.92
CA LEU A 180 1.43 5.14 -14.12
C LEU A 180 2.51 5.42 -13.06
N SER A 181 3.41 6.36 -13.35
CA SER A 181 4.45 6.70 -12.38
C SER A 181 3.86 7.13 -11.04
N GLN A 182 2.67 7.73 -11.05
CA GLN A 182 2.04 8.20 -9.81
C GLN A 182 1.37 7.08 -9.02
N ILE A 183 1.00 5.99 -9.68
CA ILE A 183 0.23 4.94 -9.01
C ILE A 183 1.14 4.11 -8.08
N PRO A 184 0.71 3.93 -6.82
CA PRO A 184 1.43 3.10 -5.84
C PRO A 184 1.58 1.65 -6.31
N VAL A 185 2.71 1.04 -6.04
CA VAL A 185 2.82 -0.37 -6.37
C VAL A 185 1.69 -1.07 -5.64
N GLY A 186 0.98 -1.94 -6.36
CA GLY A 186 -0.13 -2.69 -5.83
C GLY A 186 -1.48 -2.10 -6.18
N SER A 187 -1.47 -0.84 -6.60
CA SER A 187 -2.72 -0.15 -6.89
C SER A 187 -2.99 -0.06 -8.39
N PHE A 188 -4.25 0.26 -8.70
CA PHE A 188 -4.74 0.32 -10.08
C PHE A 188 -4.81 1.75 -10.59
N SER A 189 -4.62 1.87 -11.90
CA SER A 189 -4.92 3.09 -12.61
C SER A 189 -6.44 3.27 -12.73
N PRO A 190 -6.88 4.47 -13.11
CA PRO A 190 -8.25 4.65 -13.59
C PRO A 190 -8.50 3.74 -14.78
N VAL A 191 -9.72 3.72 -15.30
CA VAL A 191 -9.98 2.95 -16.50
C VAL A 191 -9.77 3.89 -17.68
N LEU A 192 -9.03 3.43 -18.67
CA LEU A 192 -8.66 4.28 -19.80
C LEU A 192 -9.10 3.63 -21.08
N ASN A 193 -9.22 4.40 -22.14
CA ASN A 193 -9.63 3.83 -23.43
C ASN A 193 -8.54 3.85 -24.49
N GLY A 194 -8.38 2.73 -25.18
CA GLY A 194 -7.54 2.67 -26.35
C GLY A 194 -8.08 1.80 -27.48
N LYS A 195 -9.40 1.71 -27.63
CA LYS A 195 -10.36 2.39 -26.77
C LYS A 195 -11.04 1.44 -25.77
N ASN A 196 -12.01 1.96 -25.03
CA ASN A 196 -12.70 1.22 -23.97
C ASN A 196 -12.51 -0.28 -24.05
N GLY A 197 -11.48 -0.76 -23.38
CA GLY A 197 -10.64 0.11 -22.58
C GLY A 197 -9.51 -0.67 -21.96
N TYR A 198 -8.73 0.01 -21.12
CA TYR A 198 -7.58 -0.60 -20.49
C TYR A 198 -7.57 -0.23 -19.02
N GLU A 199 -7.22 -1.20 -18.18
CA GLU A 199 -6.90 -0.99 -16.77
C GLU A 199 -5.48 -1.50 -16.58
N LEU A 200 -4.73 -0.83 -15.72
CA LEU A 200 -3.35 -1.16 -15.51
C LEU A 200 -3.15 -1.33 -14.02
N TYR A 201 -2.40 -2.37 -13.67
CA TYR A 201 -2.19 -2.77 -12.29
C TYR A 201 -0.68 -2.70 -12.02
N GLU A 202 -0.26 -1.79 -11.15
CA GLU A 202 1.17 -1.53 -11.02
C GLU A 202 1.89 -2.51 -10.12
N VAL A 203 2.88 -3.18 -10.69
CA VAL A 203 3.64 -4.18 -9.96
C VAL A 203 5.02 -3.68 -9.53
N LYS A 204 5.68 -2.92 -10.38
CA LYS A 204 7.05 -2.48 -10.06
C LYS A 204 7.35 -1.15 -10.73
N SER A 205 7.99 -0.27 -9.97
CA SER A 205 8.59 0.95 -10.47
C SER A 205 9.94 0.99 -9.77
N LYS A 206 10.84 1.87 -10.21
CA LYS A 206 12.11 2.08 -9.51
C LYS A 206 13.19 0.99 -9.71
N ASP A 207 13.49 0.61 -10.97
CA ASP A 207 12.80 1.05 -12.18
C ASP A 207 12.75 2.57 -12.47
N GLY A 208 13.77 3.29 -12.02
CA GLY A 208 14.24 4.47 -12.71
C GLY A 208 13.76 5.83 -12.26
N THR A 209 13.68 6.03 -10.94
CA THR A 209 13.13 7.28 -10.44
C THR A 209 13.88 8.47 -11.03
N GLN A 210 13.16 9.57 -11.28
CA GLN A 210 13.70 10.77 -11.92
C GLN A 210 12.86 11.94 -11.49
N THR A 211 13.44 13.13 -11.51
CA THR A 211 12.65 14.35 -11.39
C THR A 211 11.90 14.62 -12.69
N PRO A 212 10.56 14.61 -12.63
CA PRO A 212 9.76 14.80 -13.83
C PRO A 212 9.93 16.21 -14.41
N GLU A 213 9.85 16.32 -15.72
CA GLU A 213 9.69 17.61 -16.37
C GLU A 213 8.19 17.84 -16.39
N TYR A 214 7.77 19.10 -16.45
CA TYR A 214 6.34 19.39 -16.44
C TYR A 214 5.65 18.56 -17.52
N GLU A 215 6.28 18.50 -18.70
CA GLU A 215 5.65 17.85 -19.85
C GLU A 215 5.46 16.35 -19.70
N GLN A 216 6.25 15.71 -18.84
CA GLN A 216 6.10 14.28 -18.63
C GLN A 216 4.86 13.94 -17.81
N VAL A 217 4.49 14.83 -16.88
CA VAL A 217 3.43 14.56 -15.93
C VAL A 217 2.29 15.57 -16.01
N LYS A 218 2.21 16.33 -17.10
CA LYS A 218 1.30 17.47 -17.16
C LYS A 218 -0.17 17.14 -16.96
N ASN A 219 -0.63 15.99 -17.40
CA ASN A 219 -2.03 15.64 -17.16
C ASN A 219 -2.29 15.50 -15.66
N GLU A 220 -1.34 14.91 -14.97
CA GLU A 220 -1.43 14.65 -13.53
C GLU A 220 -1.42 15.97 -12.78
N VAL A 221 -0.46 16.82 -13.15
CA VAL A 221 -0.29 18.15 -12.59
C VAL A 221 -1.57 18.95 -12.79
N LEU A 222 -1.99 19.07 -14.04
CA LEU A 222 -3.23 19.74 -14.36
C LEU A 222 -4.43 19.25 -13.54
N ASN A 223 -4.57 17.94 -13.34
CA ASN A 223 -5.72 17.45 -12.56
C ASN A 223 -5.62 17.85 -11.08
N ALA A 224 -4.41 17.81 -10.54
CA ALA A 224 -4.13 18.18 -9.15
C ALA A 224 -4.37 19.67 -8.93
N TYR A 225 -3.99 20.46 -9.94
CA TYR A 225 -4.13 21.89 -9.91
C TYR A 225 -5.59 22.29 -9.96
N VAL A 226 -6.37 21.62 -10.79
CA VAL A 226 -7.82 21.84 -10.86
C VAL A 226 -8.53 21.42 -9.55
N SER A 227 -8.13 20.27 -9.01
CA SER A 227 -8.72 19.81 -7.76
C SER A 227 -8.47 20.79 -6.63
N GLU A 228 -7.26 21.34 -6.57
CA GLU A 228 -6.89 22.23 -5.50
C GLU A 228 -7.72 23.50 -5.56
N GLN A 229 -7.90 24.01 -6.78
CA GLN A 229 -8.67 25.22 -7.01
C GLN A 229 -10.11 24.99 -6.60
N ARG A 230 -10.63 23.83 -6.96
CA ARG A 230 -11.99 23.48 -6.62
C ARG A 230 -12.19 23.30 -5.12
N GLN A 231 -11.32 22.56 -4.44
CA GLN A 231 -11.44 22.43 -3.00
C GLN A 231 -11.28 23.74 -2.22
N ASN A 232 -10.40 24.62 -2.70
CA ASN A 232 -10.20 25.90 -2.04
C ASN A 232 -11.42 26.78 -2.22
N PHE A 233 -12.08 26.66 -3.38
CA PHE A 233 -13.28 27.47 -3.67
C PHE A 233 -14.46 27.00 -2.82
N ILE A 234 -14.66 25.68 -2.75
CA ILE A 234 -15.72 25.11 -1.95
C ILE A 234 -15.49 25.42 -0.46
N GLN A 235 -14.27 25.23 0.02
CA GLN A 235 -14.00 25.53 1.43
C GLN A 235 -14.29 26.99 1.76
N ASP A 236 -13.81 27.91 0.92
CA ASP A 236 -14.06 29.35 1.11
C ASP A 236 -15.55 29.69 0.99
N TYR A 237 -16.23 28.99 0.11
CA TYR A 237 -17.66 29.19 -0.10
C TYR A 237 -18.47 28.92 1.17
N PHE A 238 -18.14 27.85 1.89
CA PHE A 238 -18.87 27.55 3.13
C PHE A 238 -18.39 28.36 4.34
N ASP A 239 -17.15 28.80 4.31
CA ASP A 239 -16.71 29.69 5.37
C ASP A 239 -17.47 31.02 5.24
N LYS A 240 -17.67 31.50 4.02
CA LYS A 240 -18.43 32.73 3.81
C LYS A 240 -19.85 32.50 4.24
N LEU A 241 -20.42 31.38 3.85
CA LEU A 241 -21.81 31.08 4.16
C LEU A 241 -21.99 30.98 5.65
N ARG A 242 -20.94 30.57 6.34
CA ARG A 242 -21.01 30.35 7.77
C ARG A 242 -21.44 31.63 8.47
N SER A 243 -21.04 32.76 7.90
CA SER A 243 -21.34 34.06 8.50
C SER A 243 -22.32 34.87 7.66
N LYS A 244 -23.16 34.19 6.89
CA LYS A 244 -24.18 34.87 6.11
C LYS A 244 -25.52 34.19 6.39
N ILE A 245 -25.49 32.88 6.56
CA ILE A 245 -26.73 32.11 6.71
C ILE A 245 -27.39 32.38 8.06
N ASN A 246 -28.71 32.27 8.09
CA ASN A 246 -29.45 32.61 9.31
C ASN A 246 -29.47 31.50 10.35
N ILE A 247 -28.75 31.74 11.44
CA ILE A 247 -28.60 30.75 12.48
C ILE A 247 -29.09 31.28 13.84
N GLU A 248 -29.92 30.50 14.50
CA GLU A 248 -30.40 30.88 15.82
C GLU A 248 -29.95 29.84 16.81
N TYR A 249 -29.44 30.30 17.95
CA TYR A 249 -29.11 29.40 19.06
C TYR A 249 -30.13 29.62 20.16
N LEU A 250 -30.37 28.59 20.95
CA LEU A 250 -31.19 28.75 22.14
C LEU A 250 -30.51 29.77 23.05
N ARG A 251 -31.31 30.68 23.61
CA ARG A 251 -30.78 31.69 24.53
C ARG A 251 -30.01 32.77 23.79
N ASN B 1 46.34 -19.79 15.27
CA ASN B 1 47.29 -20.31 16.26
C ASN B 1 47.47 -21.82 16.12
N ALA B 2 46.48 -22.59 16.58
CA ALA B 2 46.46 -24.02 16.34
C ALA B 2 45.15 -24.38 15.68
N ILE B 3 45.10 -25.54 15.04
CA ILE B 3 43.88 -25.95 14.40
C ILE B 3 42.99 -26.73 15.39
N ALA B 4 41.75 -26.29 15.51
CA ALA B 4 40.86 -26.84 16.51
C ALA B 4 39.91 -27.86 15.90
N VAL B 5 39.47 -27.58 14.68
CA VAL B 5 38.49 -28.43 14.00
C VAL B 5 38.78 -28.49 12.49
N VAL B 6 38.56 -29.66 11.91
CA VAL B 6 38.64 -29.79 10.47
C VAL B 6 37.24 -30.19 10.05
N VAL B 7 36.73 -29.54 9.00
CA VAL B 7 35.41 -29.83 8.47
C VAL B 7 35.58 -30.19 7.01
N ASP B 8 35.12 -31.39 6.63
CA ASP B 8 35.63 -32.04 5.44
C ASP B 8 37.13 -32.09 5.64
N LYS B 9 37.85 -31.23 4.92
CA LYS B 9 39.29 -31.12 5.12
C LYS B 9 39.66 -29.69 5.53
N GLU B 10 38.68 -28.80 5.48
CA GLU B 10 38.88 -27.38 5.77
C GLU B 10 39.08 -27.09 7.26
N PRO B 11 40.26 -26.56 7.61
CA PRO B 11 40.64 -26.32 9.01
C PRO B 11 39.97 -25.10 9.63
N ILE B 12 39.70 -25.18 10.93
CA ILE B 12 39.19 -24.05 11.68
C ILE B 12 40.12 -23.85 12.85
N THR B 13 40.73 -22.69 12.93
CA THR B 13 41.80 -22.47 13.88
C THR B 13 41.25 -21.83 15.14
N THR B 14 42.02 -21.92 16.21
CA THR B 14 41.65 -21.23 17.44
C THR B 14 41.58 -19.72 17.19
N TYR B 15 42.33 -19.25 16.20
CA TYR B 15 42.28 -17.84 15.83
C TYR B 15 40.91 -17.49 15.23
N ASP B 16 40.46 -18.28 14.26
CA ASP B 16 39.14 -18.11 13.68
C ASP B 16 38.04 -18.06 14.75
N ILE B 17 38.05 -19.04 15.64
CA ILE B 17 37.08 -19.11 16.73
C ILE B 17 37.16 -17.85 17.55
N ASP B 18 38.39 -17.42 17.82
CA ASP B 18 38.62 -16.20 18.57
C ASP B 18 38.05 -14.97 17.84
N GLN B 19 38.53 -14.71 16.63
CA GLN B 19 38.07 -13.57 15.86
C GLN B 19 36.57 -13.59 15.60
N THR B 20 35.99 -14.78 15.55
CA THR B 20 34.56 -14.93 15.32
C THR B 20 33.76 -14.67 16.60
N MET B 21 34.31 -15.08 17.73
CA MET B 21 33.69 -14.79 19.02
C MET B 21 33.49 -13.29 19.16
N LYS B 22 34.41 -12.53 18.57
CA LYS B 22 34.40 -11.06 18.65
C LYS B 22 33.33 -10.49 17.74
N ALA B 23 33.31 -10.95 16.50
CA ALA B 23 32.35 -10.45 15.52
C ALA B 23 30.89 -10.47 16.00
N LEU B 24 30.55 -11.40 16.90
CA LEU B 24 29.20 -11.46 17.43
C LEU B 24 29.16 -11.39 18.95
N LYS B 25 27.96 -11.34 19.50
CA LYS B 25 27.79 -11.34 20.94
C LYS B 25 27.80 -12.79 21.41
N ILE B 26 28.27 -13.67 20.52
CA ILE B 26 28.22 -15.10 20.75
C ILE B 26 29.61 -15.64 21.04
N ASP B 27 29.71 -16.97 21.12
CA ASP B 27 30.97 -17.62 21.44
C ASP B 27 30.82 -19.15 21.45
N ARG B 28 31.80 -19.84 20.88
CA ARG B 28 31.89 -21.29 20.99
C ARG B 28 31.17 -21.75 22.25
N ASN B 29 30.36 -22.80 22.17
CA ASN B 29 30.16 -23.54 20.93
C ASN B 29 29.35 -22.78 19.88
N LYS B 30 29.00 -21.53 20.18
CA LYS B 30 28.27 -20.70 19.22
C LYS B 30 29.19 -20.25 18.07
N ALA B 31 30.36 -19.69 18.41
CA ALA B 31 31.31 -19.30 17.36
C ALA B 31 31.73 -20.53 16.55
N LEU B 32 31.75 -21.67 17.22
CA LEU B 32 32.14 -22.93 16.64
C LEU B 32 31.07 -23.39 15.67
N GLY B 33 29.81 -23.23 16.07
CA GLY B 33 28.69 -23.58 15.21
C GLY B 33 28.71 -22.78 13.91
N VAL B 34 28.87 -21.46 14.02
CA VAL B 34 28.93 -20.59 12.84
C VAL B 34 30.05 -21.04 11.91
N LEU B 35 31.24 -21.22 12.48
CA LEU B 35 32.40 -21.60 11.69
C LEU B 35 32.20 -22.97 11.03
N ILE B 36 31.53 -23.88 11.72
CA ILE B 36 31.29 -25.20 11.14
C ILE B 36 30.37 -25.04 9.94
N ASN B 37 29.28 -24.33 10.12
CA ASN B 37 28.36 -24.08 9.01
C ASN B 37 28.99 -23.28 7.86
N GLU B 38 29.84 -22.30 8.17
CA GLU B 38 30.51 -21.55 7.10
C GLU B 38 31.38 -22.46 6.26
N LYS B 39 32.03 -23.43 6.89
CA LYS B 39 32.88 -24.33 6.11
C LYS B 39 32.04 -25.23 5.22
N MET B 40 30.88 -25.67 5.72
CA MET B 40 29.97 -26.46 4.92
C MET B 40 29.55 -25.69 3.68
N GLU B 41 29.26 -24.40 3.84
CA GLU B 41 28.79 -23.58 2.71
C GLU B 41 29.88 -23.40 1.68
N ILE B 42 31.07 -23.04 2.15
CA ILE B 42 32.22 -22.85 1.27
C ILE B 42 32.46 -24.08 0.42
N SER B 43 32.35 -25.25 1.05
CA SER B 43 32.58 -26.51 0.34
C SER B 43 31.49 -26.81 -0.69
N GLN B 44 30.26 -26.48 -0.35
CA GLN B 44 29.16 -26.58 -1.30
C GLN B 44 29.33 -25.57 -2.44
N MET B 45 29.84 -24.39 -2.11
CA MET B 45 30.13 -23.37 -3.11
C MET B 45 31.08 -23.90 -4.18
N LYS B 46 32.15 -24.57 -3.76
CA LYS B 46 33.08 -25.21 -4.67
C LYS B 46 32.40 -26.24 -5.57
N GLN B 47 31.73 -27.20 -4.94
CA GLN B 47 31.12 -28.31 -5.65
C GLN B 47 30.03 -27.86 -6.63
N LEU B 48 29.26 -26.84 -6.27
CA LEU B 48 28.18 -26.38 -7.13
C LEU B 48 28.64 -25.29 -8.09
N GLY B 49 29.91 -24.93 -7.99
CA GLY B 49 30.48 -23.93 -8.88
C GLY B 49 29.83 -22.57 -8.66
N ILE B 50 29.68 -22.18 -7.41
CA ILE B 50 29.12 -20.88 -7.10
C ILE B 50 30.24 -19.88 -7.19
N VAL B 51 29.99 -18.74 -7.84
CA VAL B 51 30.98 -17.67 -7.91
C VAL B 51 30.36 -16.29 -8.22
N VAL B 52 31.01 -15.23 -7.76
CA VAL B 52 30.61 -13.85 -8.00
C VAL B 52 31.75 -13.00 -8.63
N ASN B 53 31.51 -12.47 -9.82
CA ASN B 53 32.38 -11.51 -10.52
C ASN B 53 32.47 -10.19 -9.82
N ASP B 54 33.47 -9.42 -10.21
CA ASP B 54 33.49 -8.00 -9.87
C ASP B 54 32.34 -7.26 -10.53
N LEU B 55 32.01 -7.60 -11.78
CA LEU B 55 30.89 -6.96 -12.46
C LEU B 55 29.53 -7.32 -11.86
N GLU B 56 29.32 -8.58 -11.52
CA GLU B 56 28.13 -8.94 -10.75
C GLU B 56 28.12 -8.17 -9.44
N LEU B 57 29.27 -8.11 -8.77
CA LEU B 57 29.35 -7.45 -7.48
C LEU B 57 29.02 -5.97 -7.63
N ASP B 58 29.59 -5.33 -8.64
CA ASP B 58 29.34 -3.91 -8.90
C ASP B 58 27.89 -3.70 -9.32
N ASP B 59 27.37 -4.61 -10.15
CA ASP B 59 26.00 -4.47 -10.59
C ASP B 59 25.06 -4.56 -9.38
N ALA B 60 25.42 -5.42 -8.43
CA ALA B 60 24.58 -5.61 -7.25
C ALA B 60 24.67 -4.39 -6.34
N ILE B 61 25.85 -3.79 -6.26
CA ILE B 61 25.99 -2.56 -5.48
C ILE B 61 25.05 -1.47 -6.00
N ASN B 62 25.09 -1.19 -7.30
CA ASN B 62 24.19 -0.19 -7.87
C ASN B 62 22.69 -0.44 -7.58
N LYS B 63 22.26 -1.68 -7.71
CA LYS B 63 20.88 -2.03 -7.44
C LYS B 63 20.50 -1.77 -5.98
N MET B 64 21.45 -1.99 -5.06
CA MET B 64 21.22 -1.66 -3.66
C MET B 64 21.13 -0.14 -3.45
N LEU B 65 22.00 0.61 -4.12
CA LEU B 65 21.92 2.08 -4.14
C LEU B 65 20.54 2.58 -4.58
N ALA B 66 20.07 2.14 -5.75
CA ALA B 66 18.75 2.58 -6.24
C ALA B 66 17.61 2.23 -5.26
N GLN B 67 17.61 0.99 -4.78
CA GLN B 67 16.61 0.55 -3.82
C GLN B 67 16.59 1.41 -2.57
N ASN B 68 17.72 2.08 -2.28
CA ASN B 68 17.86 2.89 -1.07
C ASN B 68 17.86 4.36 -1.41
N LYS B 69 17.56 4.67 -2.68
CA LYS B 69 17.47 6.05 -3.15
C LYS B 69 18.72 6.87 -2.86
N THR B 70 19.89 6.28 -3.10
CA THR B 70 21.15 6.98 -2.93
C THR B 70 22.05 6.79 -4.15
N THR B 71 23.30 7.23 -4.03
CA THR B 71 24.26 7.23 -5.12
C THR B 71 25.57 6.71 -4.56
N LEU B 72 26.47 6.27 -5.43
CA LEU B 72 27.77 5.77 -4.97
C LEU B 72 28.51 6.79 -4.12
N ASN B 73 28.60 8.02 -4.62
CA ASN B 73 29.32 9.07 -3.89
C ASN B 73 28.72 9.34 -2.51
N ALA B 74 27.40 9.43 -2.45
CA ALA B 74 26.71 9.65 -1.19
C ALA B 74 26.91 8.45 -0.26
N PHE B 75 26.76 7.26 -0.80
CA PHE B 75 27.00 6.06 -0.02
C PHE B 75 28.44 6.02 0.50
N LYS B 76 29.38 6.50 -0.32
CA LYS B 76 30.79 6.51 0.05
C LYS B 76 31.09 7.55 1.14
N ALA B 77 30.33 8.63 1.14
CA ALA B 77 30.53 9.67 2.15
C ALA B 77 29.99 9.17 3.49
N ASN B 78 28.77 8.62 3.47
CA ASN B 78 28.20 8.02 4.66
C ASN B 78 29.16 7.02 5.31
N LEU B 79 29.76 6.16 4.50
CA LEU B 79 30.71 5.18 5.02
C LEU B 79 31.89 5.86 5.70
N LYS B 80 32.35 6.96 5.09
CA LYS B 80 33.49 7.69 5.61
C LYS B 80 33.19 8.08 7.06
N SER B 81 31.97 8.58 7.27
CA SER B 81 31.50 9.00 8.59
C SER B 81 31.34 7.83 9.57
N LYS B 82 31.04 6.64 9.07
CA LYS B 82 31.05 5.44 9.89
C LYS B 82 32.48 5.01 10.20
N ASN B 83 33.45 5.76 9.67
CA ASN B 83 34.85 5.34 9.74
C ASN B 83 35.02 3.88 9.30
N GLN B 84 34.23 3.48 8.32
CA GLN B 84 34.34 2.14 7.75
C GLN B 84 34.74 2.28 6.28
N SER B 85 35.43 1.25 5.76
CA SER B 85 36.03 1.36 4.43
C SER B 85 35.18 0.74 3.34
N TYR B 86 35.08 1.45 2.21
CA TYR B 86 34.36 0.93 1.07
C TYR B 86 34.85 -0.45 0.71
N GLU B 87 36.15 -0.62 0.75
CA GLU B 87 36.77 -1.87 0.34
C GLU B 87 36.30 -3.03 1.21
N GLN B 88 36.11 -2.76 2.50
CA GLN B 88 35.64 -3.77 3.42
C GLN B 88 34.21 -4.09 3.07
N PHE B 89 33.40 -3.04 2.93
CA PHE B 89 32.02 -3.17 2.52
C PHE B 89 31.88 -4.09 1.31
N ARG B 90 32.64 -3.82 0.24
CA ARG B 90 32.60 -4.65 -0.96
C ARG B 90 32.90 -6.09 -0.62
N THR B 91 33.89 -6.30 0.24
CA THR B 91 34.28 -7.67 0.57
C THR B 91 33.14 -8.38 1.27
N ASN B 92 32.53 -7.72 2.25
CA ASN B 92 31.42 -8.34 2.97
C ASN B 92 30.18 -8.50 2.11
N PHE B 93 29.97 -7.56 1.20
CA PHE B 93 28.78 -7.58 0.36
C PHE B 93 28.92 -8.78 -0.57
N LYS B 94 30.12 -8.96 -1.11
CA LYS B 94 30.41 -10.07 -1.98
C LYS B 94 30.08 -11.44 -1.37
N LYS B 95 30.43 -11.62 -0.10
CA LYS B 95 30.18 -12.89 0.59
C LYS B 95 28.69 -13.16 0.78
N ASP B 96 27.93 -12.12 1.11
CA ASP B 96 26.47 -12.22 1.14
C ASP B 96 25.90 -12.68 -0.20
N LEU B 97 26.46 -12.18 -1.30
CA LEU B 97 25.96 -12.56 -2.63
C LEU B 97 26.32 -14.00 -2.98
N GLU B 98 27.53 -14.41 -2.61
CA GLU B 98 27.96 -15.77 -2.84
C GLU B 98 27.01 -16.70 -2.09
N LYS B 99 26.73 -16.36 -0.83
CA LYS B 99 25.81 -17.13 -0.01
C LYS B 99 24.40 -17.11 -0.61
N ARG B 100 23.99 -15.98 -1.15
CA ARG B 100 22.67 -15.90 -1.81
C ARG B 100 22.62 -16.77 -3.06
N LYS B 101 23.67 -16.72 -3.88
CA LYS B 101 23.73 -17.61 -5.06
C LYS B 101 23.64 -19.08 -4.61
N LEU B 102 24.32 -19.41 -3.52
CA LEU B 102 24.37 -20.79 -3.00
C LEU B 102 22.99 -21.29 -2.62
N TYR B 103 22.29 -20.50 -1.83
CA TYR B 103 20.94 -20.89 -1.41
C TYR B 103 19.90 -20.86 -2.57
N GLU B 104 20.09 -20.01 -3.56
CA GLU B 104 19.25 -20.05 -4.76
C GLU B 104 19.45 -21.37 -5.48
N LYS B 105 20.72 -21.71 -5.73
CA LYS B 105 21.07 -22.96 -6.39
C LYS B 105 20.46 -24.15 -5.65
N ILE B 106 20.70 -24.21 -4.35
CA ILE B 106 20.16 -25.28 -3.55
C ILE B 106 18.64 -25.35 -3.70
N ALA B 107 17.96 -24.23 -3.54
CA ALA B 107 16.50 -24.26 -3.67
C ALA B 107 16.03 -24.66 -5.07
N SER B 108 16.85 -24.45 -6.09
CA SER B 108 16.44 -24.79 -7.46
C SER B 108 16.38 -26.31 -7.62
N MET B 109 16.83 -27.02 -6.60
CA MET B 109 16.92 -28.47 -6.66
C MET B 109 15.62 -29.10 -6.22
N ALA B 110 14.77 -28.33 -5.55
CA ALA B 110 13.57 -28.84 -4.88
C ALA B 110 12.37 -28.97 -5.80
N LYS B 111 11.41 -29.81 -5.40
CA LYS B 111 10.14 -29.94 -6.10
C LYS B 111 9.08 -29.25 -5.26
N THR B 112 8.56 -28.14 -5.77
CA THR B 112 7.63 -27.31 -5.01
C THR B 112 6.20 -27.66 -5.38
N ASP B 113 5.35 -27.82 -4.38
CA ASP B 113 3.92 -28.03 -4.58
C ASP B 113 3.20 -26.68 -4.66
N PHE B 114 2.57 -26.41 -5.79
CA PHE B 114 1.81 -25.16 -5.97
C PHE B 114 0.31 -25.43 -6.04
N SER B 115 -0.12 -26.59 -5.53
CA SER B 115 -1.50 -27.03 -5.72
C SER B 115 -2.46 -26.41 -4.72
N ASP B 116 -3.68 -26.15 -5.16
CA ASP B 116 -4.66 -25.50 -4.31
C ASP B 116 -4.92 -26.32 -3.06
N ASP B 117 -5.08 -27.64 -3.24
CA ASP B 117 -5.31 -28.48 -2.07
C ASP B 117 -4.08 -28.53 -1.18
N GLY B 118 -2.88 -28.51 -1.76
CA GLY B 118 -1.66 -28.43 -0.98
C GLY B 118 -1.67 -27.22 -0.07
N ALA B 119 -2.01 -26.07 -0.61
CA ALA B 119 -2.10 -24.83 0.16
C ALA B 119 -3.18 -24.90 1.23
N LYS B 120 -4.41 -25.28 0.83
CA LYS B 120 -5.49 -25.38 1.80
C LYS B 120 -5.00 -26.15 2.99
N LYS B 121 -4.49 -27.34 2.75
CA LYS B 121 -4.08 -28.21 3.85
C LYS B 121 -3.01 -27.51 4.69
N PHE B 122 -2.14 -26.75 4.03
CA PHE B 122 -1.17 -25.93 4.76
C PHE B 122 -1.87 -24.90 5.63
N PHE B 123 -2.92 -24.29 5.08
CA PHE B 123 -3.72 -23.33 5.82
C PHE B 123 -4.32 -23.94 7.10
N GLU B 124 -5.07 -25.03 6.94
CA GLU B 124 -5.71 -25.69 8.07
C GLU B 124 -4.71 -26.08 9.16
N GLN B 125 -3.46 -26.28 8.78
CA GLN B 125 -2.41 -26.68 9.72
C GLN B 125 -1.79 -25.47 10.42
N ASN B 126 -1.88 -24.30 9.77
CA ASN B 126 -1.24 -23.09 10.29
C ASN B 126 -2.16 -21.86 10.30
N LYS B 127 -3.39 -22.04 10.76
CA LYS B 127 -4.36 -20.95 10.78
C LYS B 127 -3.87 -19.77 11.61
N ASP B 128 -3.07 -20.07 12.62
CA ASP B 128 -2.57 -19.09 13.55
C ASP B 128 -1.80 -17.97 12.84
N LYS B 129 -1.19 -18.31 11.72
CA LYS B 129 -0.37 -17.36 10.97
C LYS B 129 -1.22 -16.45 10.11
N PHE B 130 -2.54 -16.60 10.20
CA PHE B 130 -3.44 -15.86 9.33
C PHE B 130 -4.62 -15.26 10.10
N THR B 131 -4.37 -14.93 11.36
CA THR B 131 -5.39 -14.35 12.22
C THR B 131 -5.64 -12.88 11.85
N PHE B 132 -6.90 -12.54 11.59
CA PHE B 132 -7.29 -11.16 11.33
C PHE B 132 -8.09 -10.59 12.50
N TYR B 133 -7.84 -9.33 12.83
CA TYR B 133 -8.57 -8.64 13.87
C TYR B 133 -9.98 -8.23 13.40
N THR B 134 -10.94 -8.22 14.32
CA THR B 134 -12.33 -7.88 13.99
C THR B 134 -12.59 -6.39 14.19
N GLN B 135 -11.78 -5.76 15.03
CA GLN B 135 -11.91 -4.35 15.31
C GLN B 135 -10.55 -3.67 15.17
N ILE B 136 -10.47 -2.71 14.27
CA ILE B 136 -9.24 -1.99 14.03
C ILE B 136 -9.55 -0.50 13.99
N ASN B 137 -8.81 0.27 14.78
CA ASN B 137 -8.94 1.70 14.77
C ASN B 137 -7.66 2.29 14.22
N ALA B 138 -7.79 3.30 13.37
CA ALA B 138 -6.63 3.90 12.72
C ALA B 138 -6.88 5.35 12.34
N ASN B 139 -5.79 6.05 12.05
CA ASN B 139 -5.85 7.35 11.41
C ASN B 139 -5.88 7.15 9.91
N ILE B 140 -6.94 7.62 9.25
CA ILE B 140 -6.95 7.59 7.79
C ILE B 140 -6.64 8.95 7.20
N TYR B 141 -5.74 8.96 6.21
CA TYR B 141 -5.41 10.15 5.45
C TYR B 141 -5.93 10.02 4.03
N LEU B 142 -6.50 11.09 3.49
CA LEU B 142 -7.10 11.05 2.15
C LEU B 142 -6.52 12.10 1.21
N SER B 143 -6.44 11.76 -0.07
CA SER B 143 -6.01 12.71 -1.08
C SER B 143 -6.33 12.25 -2.49
N ASN B 144 -6.54 13.23 -3.37
CA ASN B 144 -6.62 13.03 -4.80
C ASN B 144 -5.25 12.63 -5.37
N ASN B 145 -4.21 12.99 -4.64
CA ASN B 145 -2.84 12.80 -5.10
C ASN B 145 -2.14 11.70 -4.30
N PRO B 146 -1.81 10.60 -4.98
CA PRO B 146 -1.23 9.44 -4.29
C PRO B 146 0.20 9.73 -3.84
N GLN B 147 0.92 10.58 -4.56
CA GLN B 147 2.26 10.98 -4.14
C GLN B 147 2.31 11.83 -2.87
N THR B 148 1.21 12.50 -2.52
CA THR B 148 1.15 13.26 -1.27
C THR B 148 0.96 12.32 -0.08
N LEU B 149 0.28 11.19 -0.32
CA LEU B 149 0.18 10.16 0.70
C LEU B 149 1.47 9.34 0.79
N GLU B 150 2.16 9.15 -0.34
CA GLU B 150 3.45 8.48 -0.33
C GLU B 150 4.44 9.26 0.53
N ASN B 151 4.53 10.57 0.29
CA ASN B 151 5.36 11.44 1.10
C ASN B 151 5.05 11.43 2.62
N ILE B 152 3.96 10.78 3.02
CA ILE B 152 3.67 10.62 4.44
C ILE B 152 4.11 9.24 4.95
N LYS B 153 3.97 8.20 4.11
CA LYS B 153 4.44 6.86 4.46
C LYS B 153 5.96 6.82 4.56
N ASN B 154 6.61 7.77 3.89
CA ASN B 154 8.05 7.93 3.98
C ASN B 154 8.39 9.05 4.95
N THR B 155 8.08 10.29 4.58
CA THR B 155 8.15 11.42 5.49
C THR B 155 6.97 11.33 6.45
N LYS B 156 7.27 11.17 7.74
CA LYS B 156 6.21 11.05 8.74
C LYS B 156 5.62 12.40 9.11
N LYS B 157 6.09 13.45 8.45
CA LYS B 157 5.57 14.80 8.67
C LYS B 157 4.49 15.15 7.64
N THR B 158 3.38 15.74 8.09
CA THR B 158 2.22 15.88 7.22
C THR B 158 1.22 16.99 7.51
N ILE B 159 0.35 17.19 6.54
CA ILE B 159 -0.86 17.98 6.64
C ILE B 159 -1.76 17.34 5.58
N LEU B 160 -3.07 17.38 5.78
CA LEU B 160 -3.66 17.99 6.95
C LEU B 160 -4.09 16.92 7.93
N LYS B 161 -5.28 17.09 8.48
CA LYS B 161 -5.75 16.25 9.57
C LYS B 161 -6.25 14.89 9.07
N PRO B 162 -5.97 13.84 9.84
CA PRO B 162 -6.47 12.50 9.55
C PRO B 162 -7.86 12.35 10.16
N GLN B 163 -8.68 11.46 9.60
CA GLN B 163 -9.88 11.04 10.30
C GLN B 163 -9.47 9.89 11.19
N ASN B 164 -10.37 9.47 12.07
CA ASN B 164 -10.12 8.34 12.95
C ASN B 164 -11.21 7.29 12.79
N ALA B 165 -10.95 6.33 11.92
CA ALA B 165 -11.96 5.30 11.62
C ALA B 165 -11.94 4.16 12.62
N SER B 166 -13.12 3.74 13.04
CA SER B 166 -13.28 2.50 13.81
C SER B 166 -13.82 1.43 12.88
N LEU B 167 -12.92 0.76 12.16
CA LEU B 167 -13.31 -0.22 11.17
C LEU B 167 -13.90 -1.46 11.80
N ASN B 168 -15.22 -1.52 11.83
CA ASN B 168 -15.96 -2.67 12.33
C ASN B 168 -16.02 -3.71 11.23
N THR B 169 -16.45 -4.92 11.59
CA THR B 169 -16.62 -5.98 10.60
C THR B 169 -17.52 -5.52 9.46
N SER B 170 -18.43 -4.59 9.76
CA SER B 170 -19.36 -4.08 8.76
C SER B 170 -19.05 -2.64 8.35
N ASN B 171 -18.04 -2.05 8.97
CA ASN B 171 -17.61 -0.71 8.59
C ASN B 171 -16.76 -0.72 7.34
N ALA B 172 -16.20 -1.88 6.98
CA ALA B 172 -15.32 -1.96 5.83
C ALA B 172 -15.00 -3.38 5.35
N ASP B 173 -14.48 -3.49 4.12
CA ASP B 173 -14.16 -4.76 3.49
C ASP B 173 -13.02 -5.52 4.18
N PRO B 174 -13.21 -6.82 4.40
CA PRO B 174 -12.36 -7.67 5.24
C PRO B 174 -10.95 -7.87 4.68
N ARG B 175 -10.79 -7.68 3.38
CA ARG B 175 -9.46 -7.78 2.78
C ARG B 175 -8.56 -6.73 3.44
N LEU B 176 -9.12 -5.53 3.62
CA LEU B 176 -8.41 -4.43 4.26
C LEU B 176 -8.13 -4.72 5.74
N LEU B 177 -9.10 -5.33 6.41
CA LEU B 177 -8.89 -5.78 7.77
C LEU B 177 -7.65 -6.68 7.82
N GLY B 178 -7.64 -7.68 6.94
CA GLY B 178 -6.51 -8.59 6.85
C GLY B 178 -5.22 -7.83 6.62
N LEU B 179 -5.28 -6.82 5.74
CA LEU B 179 -4.13 -5.99 5.44
C LEU B 179 -3.60 -5.26 6.68
N LEU B 180 -4.46 -4.47 7.31
CA LEU B 180 -4.03 -3.65 8.44
C LEU B 180 -3.59 -4.48 9.63
N SER B 181 -4.26 -5.61 9.84
CA SER B 181 -3.91 -6.48 10.97
C SER B 181 -2.44 -6.89 10.95
N GLN B 182 -1.81 -6.89 9.77
CA GLN B 182 -0.38 -7.16 9.68
C GLN B 182 0.41 -5.95 10.16
N ILE B 183 0.26 -4.84 9.45
CA ILE B 183 0.82 -3.57 9.89
C ILE B 183 0.80 -3.44 11.41
N PRO B 184 1.94 -3.06 12.01
CA PRO B 184 2.06 -2.90 13.47
C PRO B 184 1.49 -1.57 13.94
N VAL B 185 0.96 -1.52 15.16
CA VAL B 185 0.51 -0.26 15.73
C VAL B 185 1.54 0.84 15.42
N GLY B 186 1.07 2.00 14.98
CA GLY B 186 1.93 3.13 14.68
C GLY B 186 2.32 3.25 13.20
N SER B 187 2.72 2.14 12.60
CA SER B 187 3.24 2.13 11.22
C SER B 187 2.15 2.32 10.18
N PHE B 188 2.56 2.59 8.94
CA PHE B 188 1.63 2.90 7.87
C PHE B 188 1.27 1.71 6.99
N SER B 189 0.10 1.79 6.38
CA SER B 189 -0.27 0.85 5.33
C SER B 189 0.36 1.36 4.04
N PRO B 190 0.25 0.58 2.96
CA PRO B 190 0.59 1.15 1.66
C PRO B 190 -0.45 2.21 1.27
N VAL B 191 -0.15 3.00 0.26
CA VAL B 191 -1.14 3.90 -0.30
C VAL B 191 -2.15 3.10 -1.13
N LEU B 192 -3.42 3.23 -0.80
CA LEU B 192 -4.46 2.37 -1.35
C LEU B 192 -5.46 3.16 -2.22
N ASN B 193 -5.99 2.51 -3.26
CA ASN B 193 -7.14 3.06 -3.98
C ASN B 193 -8.29 3.13 -3.00
N GLY B 194 -9.01 4.25 -3.00
CA GLY B 194 -10.20 4.40 -2.19
C GLY B 194 -11.33 4.83 -3.10
N LYS B 195 -12.54 4.93 -2.54
CA LYS B 195 -13.72 5.34 -3.30
C LYS B 195 -13.51 6.69 -3.97
N ASN B 196 -13.38 7.72 -3.13
CA ASN B 196 -13.17 9.07 -3.62
C ASN B 196 -11.81 9.23 -4.32
N GLY B 197 -10.73 8.99 -3.58
CA GLY B 197 -9.39 9.06 -4.15
C GLY B 197 -8.46 8.01 -3.55
N TYR B 198 -7.32 8.44 -3.04
CA TYR B 198 -6.38 7.52 -2.39
C TYR B 198 -6.48 7.61 -0.88
N GLU B 199 -6.04 6.54 -0.21
CA GLU B 199 -6.12 6.45 1.25
C GLU B 199 -4.83 5.90 1.85
N LEU B 200 -4.47 6.41 3.02
CA LEU B 200 -3.35 5.86 3.78
C LEU B 200 -3.81 5.64 5.22
N TYR B 201 -3.55 4.44 5.76
CA TYR B 201 -3.99 4.10 7.13
C TYR B 201 -2.83 3.98 8.12
N GLU B 202 -2.93 4.69 9.23
CA GLU B 202 -1.96 4.59 10.32
C GLU B 202 -2.60 3.99 11.57
N VAL B 203 -2.48 2.67 11.67
CA VAL B 203 -3.16 1.91 12.71
C VAL B 203 -2.85 2.42 14.11
N LYS B 204 -3.91 2.52 14.92
CA LYS B 204 -3.79 3.04 16.25
C LYS B 204 -3.98 1.90 17.24
N SER B 205 -4.71 0.88 16.81
CA SER B 205 -5.06 -0.24 17.67
C SER B 205 -5.64 -1.40 16.89
N LYS B 206 -5.40 -2.61 17.39
CA LYS B 206 -5.92 -3.81 16.75
C LYS B 206 -6.41 -4.82 17.79
N ASP B 207 -7.72 -5.07 17.77
CA ASP B 207 -8.35 -6.06 18.63
C ASP B 207 -9.31 -6.83 17.74
N GLY B 208 -10.09 -7.72 18.33
CA GLY B 208 -11.04 -8.49 17.55
C GLY B 208 -10.76 -9.97 17.61
N THR B 209 -11.76 -10.76 17.25
CA THR B 209 -11.74 -12.22 17.38
C THR B 209 -10.44 -12.85 16.88
N GLN B 210 -9.67 -12.10 16.10
CA GLN B 210 -8.48 -12.63 15.46
C GLN B 210 -8.95 -13.68 14.45
N THR B 211 -10.25 -13.61 14.15
CA THR B 211 -10.91 -14.53 13.22
C THR B 211 -10.03 -14.90 12.02
N PRO B 212 -10.15 -16.15 11.54
CA PRO B 212 -9.51 -16.59 10.30
C PRO B 212 -10.55 -16.83 9.20
N GLU B 213 -10.11 -16.93 7.95
CA GLU B 213 -10.99 -17.32 6.83
C GLU B 213 -10.24 -17.58 5.52
N TYR B 214 -10.41 -18.77 4.94
CA TYR B 214 -9.73 -19.11 3.68
C TYR B 214 -10.42 -18.45 2.49
N GLU B 215 -9.85 -18.61 1.30
CA GLU B 215 -10.34 -17.94 0.09
C GLU B 215 -10.19 -16.42 0.20
N GLN B 216 -10.27 -15.90 1.42
CA GLN B 216 -10.05 -14.49 1.68
C GLN B 216 -8.59 -14.28 2.03
N VAL B 217 -7.79 -15.31 1.80
CA VAL B 217 -6.40 -15.31 2.23
C VAL B 217 -5.61 -16.26 1.31
N LYS B 218 -6.29 -16.71 0.27
CA LYS B 218 -5.76 -17.68 -0.69
C LYS B 218 -4.36 -17.30 -1.16
N ASN B 219 -4.17 -16.02 -1.40
CA ASN B 219 -2.91 -15.57 -1.99
C ASN B 219 -1.77 -15.53 -1.00
N GLU B 220 -2.11 -15.34 0.28
CA GLU B 220 -1.09 -15.22 1.32
C GLU B 220 -0.58 -16.60 1.72
N VAL B 221 -1.51 -17.55 1.83
CA VAL B 221 -1.16 -18.92 2.20
C VAL B 221 -0.24 -19.53 1.16
N LEU B 222 -0.51 -19.25 -0.12
CA LEU B 222 0.30 -19.84 -1.17
C LEU B 222 1.74 -19.35 -1.06
N ASN B 223 1.94 -18.06 -0.83
CA ASN B 223 3.31 -17.56 -0.69
C ASN B 223 4.02 -18.15 0.54
N ALA B 224 3.30 -18.24 1.65
CA ALA B 224 3.84 -18.80 2.89
C ALA B 224 4.11 -20.30 2.76
N TYR B 225 3.20 -21.00 2.10
CA TYR B 225 3.37 -22.44 1.88
C TYR B 225 4.63 -22.66 1.07
N VAL B 226 4.77 -21.90 0.00
CA VAL B 226 5.93 -22.00 -0.85
C VAL B 226 7.21 -21.56 -0.13
N SER B 227 7.14 -20.44 0.59
CA SER B 227 8.27 -20.02 1.41
C SER B 227 8.73 -21.13 2.34
N GLU B 228 7.78 -21.74 3.05
CA GLU B 228 8.12 -22.83 3.96
C GLU B 228 8.69 -24.05 3.29
N GLN B 229 8.17 -24.40 2.12
CA GLN B 229 8.75 -25.53 1.40
C GLN B 229 10.21 -25.25 1.05
N ARG B 230 10.53 -23.99 0.74
CA ARG B 230 11.91 -23.63 0.38
C ARG B 230 12.83 -23.75 1.58
N GLN B 231 12.41 -23.13 2.68
CA GLN B 231 13.14 -23.13 3.95
C GLN B 231 13.43 -24.53 4.46
N ASN B 232 12.44 -25.41 4.39
CA ASN B 232 12.58 -26.79 4.85
C ASN B 232 13.53 -27.61 4.01
N PHE B 233 13.41 -27.45 2.69
CA PHE B 233 14.28 -28.16 1.77
C PHE B 233 15.74 -27.74 1.97
N ILE B 234 15.95 -26.45 2.14
CA ILE B 234 17.28 -25.93 2.41
C ILE B 234 17.82 -26.50 3.72
N GLN B 235 17.04 -26.40 4.78
CA GLN B 235 17.40 -26.99 6.07
C GLN B 235 17.69 -28.48 5.95
N ASP B 236 16.75 -29.21 5.35
CA ASP B 236 16.91 -30.64 5.15
C ASP B 236 18.20 -30.95 4.39
N TYR B 237 18.49 -30.12 3.39
CA TYR B 237 19.67 -30.33 2.56
C TYR B 237 20.93 -30.24 3.43
N PHE B 238 20.96 -29.26 4.33
CA PHE B 238 22.09 -29.13 5.26
C PHE B 238 22.10 -30.13 6.43
N ASP B 239 20.94 -30.59 6.89
CA ASP B 239 20.92 -31.67 7.87
C ASP B 239 21.56 -32.93 7.30
N LYS B 240 21.10 -33.36 6.13
CA LYS B 240 21.65 -34.52 5.47
C LYS B 240 23.16 -34.35 5.27
N LEU B 241 23.59 -33.12 5.14
CA LEU B 241 25.00 -32.85 4.88
C LEU B 241 25.78 -32.92 6.19
N ARG B 242 25.23 -32.34 7.24
CA ARG B 242 25.85 -32.39 8.56
C ARG B 242 26.04 -33.83 9.01
N SER B 243 25.31 -34.74 8.37
CA SER B 243 25.40 -36.16 8.70
C SER B 243 26.51 -36.86 7.92
N LYS B 244 26.64 -36.49 6.65
CA LYS B 244 27.57 -37.15 5.72
C LYS B 244 29.03 -36.66 5.77
N ILE B 245 29.30 -35.57 6.48
CA ILE B 245 30.66 -35.05 6.51
C ILE B 245 31.37 -35.39 7.80
N ASN B 246 32.69 -35.51 7.73
CA ASN B 246 33.52 -35.70 8.92
C ASN B 246 33.92 -34.40 9.60
N ILE B 247 33.53 -34.28 10.86
CA ILE B 247 33.85 -33.14 11.69
C ILE B 247 34.67 -33.66 12.85
N GLU B 248 35.95 -33.35 12.86
CA GLU B 248 36.83 -33.88 13.89
C GLU B 248 37.41 -32.79 14.75
N TYR B 249 37.28 -32.94 16.06
CA TYR B 249 37.92 -32.03 17.01
C TYR B 249 39.36 -32.51 17.23
N LEU B 250 40.31 -31.58 17.26
CA LEU B 250 41.73 -31.93 17.40
C LEU B 250 42.27 -31.72 18.81
N ARG B 251 43.33 -32.45 19.12
CA ARG B 251 44.04 -32.32 20.39
C ARG B 251 44.44 -30.87 20.72
N ALA B 252 44.46 -29.99 19.72
CA ALA B 252 44.66 -28.54 19.99
C ALA B 252 44.97 -28.33 21.46
#